data_6QME
#
_entry.id   6QME
#
_cell.length_a   103.353
_cell.length_b   103.353
_cell.length_c   56.596
_cell.angle_alpha   90.00
_cell.angle_beta   90.00
_cell.angle_gamma   120.00
#
_symmetry.space_group_name_H-M   'P 61'
#
loop_
_entity.id
_entity.type
_entity.pdbx_description
1 polymer 'Kelch-like ECH-associated protein 1'
2 non-polymer 'SULFATE ION'
3 non-polymer '(3~{S})-3-(4-chloranyl-3-methyl-phenyl)-3-(1-methylbenzotriazol-5-yl)propanoic acid'
4 water water
#
_entity_poly.entity_id   1
_entity_poly.type   'polypeptide(L)'
_entity_poly.pdbx_seq_one_letter_code
;MGSSHHHHHHSSGLVPRGPKVGRLIYTAGGYFRQSLSYLEAYNPSNGSWLRLADLQVPRSGLAGCVVGGLLYAVGGRNNS
PDGNTDSSALDCYNPMTNQWSPCASMSVPRNRIGVGVIDGHIYAVGGSHGCIHHSSVERYEPERDEWHLVAPMLTRRIGV
GVAVLNRLLYAVGGFDGTNRLNSAECYYPERNEWRMITPMNTIRSGAGVCVLHNCIYAAGGYDGQDQLNSVERYDVETET
WTFVAPMRHHRSALGITVHQGKIYVLGGYDGHTFLDSVECYDPDSDTWSEVTRMTSGRSGVGVAVTMEPCRKQIDQQNCT
C
;
_entity_poly.pdbx_strand_id   A
#
loop_
_chem_comp.id
_chem_comp.type
_chem_comp.name
_chem_comp.formula
J6Q non-polymer '(3~{S})-3-(4-chloranyl-3-methyl-phenyl)-3-(1-methylbenzotriazol-5-yl)propanoic acid' 'C17 H16 Cl N3 O2'
SO4 non-polymer 'SULFATE ION' 'O4 S -2'
#
# COMPACT_ATOMS: atom_id res chain seq x y z
N VAL A 21 1.31 -19.17 -16.08
CA VAL A 21 1.11 -18.18 -17.17
C VAL A 21 2.13 -17.04 -17.00
N GLY A 22 2.25 -16.50 -15.77
CA GLY A 22 3.20 -15.42 -15.49
C GLY A 22 2.52 -14.26 -14.78
N ARG A 23 3.14 -13.76 -13.72
CA ARG A 23 2.58 -12.70 -12.89
C ARG A 23 3.45 -11.45 -12.99
N LEU A 24 2.81 -10.28 -12.96
CA LEU A 24 3.53 -9.02 -13.05
C LEU A 24 3.29 -8.17 -11.79
N ILE A 25 4.25 -7.30 -11.51
CA ILE A 25 4.08 -6.29 -10.50
C ILE A 25 3.58 -5.01 -11.18
N TYR A 26 2.35 -4.60 -10.86
CA TYR A 26 1.73 -3.39 -11.41
C TYR A 26 1.91 -2.25 -10.40
N THR A 27 2.41 -1.13 -10.91
CA THR A 27 2.55 0.11 -10.17
C THR A 27 1.65 1.16 -10.84
N ALA A 28 0.71 1.68 -10.08
CA ALA A 28 -0.27 2.64 -10.55
C ALA A 28 -0.10 3.96 -9.79
N GLY A 29 -0.08 5.06 -10.55
CA GLY A 29 -0.07 6.39 -10.01
C GLY A 29 1.26 6.74 -9.38
N GLY A 30 1.18 7.60 -8.35
CA GLY A 30 2.32 8.09 -7.57
C GLY A 30 2.54 9.58 -7.80
N TYR A 31 3.72 10.07 -7.42
CA TYR A 31 4.00 11.50 -7.42
C TYR A 31 5.44 11.81 -7.82
N PHE A 32 5.56 12.67 -8.83
CA PHE A 32 6.81 13.35 -9.12
C PHE A 32 6.43 14.74 -9.64
N ARG A 33 6.67 15.77 -8.82
CA ARG A 33 6.27 17.17 -9.10
C ARG A 33 4.75 17.33 -9.05
N GLN A 34 4.01 16.30 -9.47
CA GLN A 34 2.56 16.30 -9.38
C GLN A 34 2.06 14.86 -9.42
N SER A 35 0.79 14.67 -9.13
CA SER A 35 0.22 13.34 -9.15
C SER A 35 0.20 12.78 -10.59
N LEU A 36 0.31 11.45 -10.68
CA LEU A 36 0.64 10.75 -11.93
C LEU A 36 -0.47 9.77 -12.33
N SER A 37 -0.65 9.56 -13.64
CA SER A 37 -1.68 8.63 -14.16
C SER A 37 -1.07 7.30 -14.62
N TYR A 38 0.23 7.10 -14.42
CA TYR A 38 0.91 5.99 -15.11
C TYR A 38 0.42 4.65 -14.55
N LEU A 39 0.28 3.64 -15.41
CA LEU A 39 0.21 2.25 -14.91
C LEU A 39 1.27 1.44 -15.67
N GLU A 40 2.16 0.83 -14.91
CA GLU A 40 3.26 0.09 -15.54
C GLU A 40 3.39 -1.26 -14.82
N ALA A 41 3.79 -2.27 -15.57
CA ALA A 41 3.93 -3.64 -15.09
C ALA A 41 5.38 -4.11 -15.30
N TYR A 42 5.94 -4.64 -14.23
CA TYR A 42 7.24 -5.23 -14.20
C TYR A 42 7.11 -6.77 -14.20
N ASN A 43 7.99 -7.42 -14.97
CA ASN A 43 8.05 -8.88 -15.05
C ASN A 43 9.38 -9.36 -14.45
N PRO A 44 9.34 -9.80 -13.18
CA PRO A 44 10.55 -10.36 -12.57
C PRO A 44 11.18 -11.50 -13.38
N SER A 45 10.38 -12.26 -14.13
CA SER A 45 10.96 -13.34 -14.96
C SER A 45 11.89 -12.82 -16.06
N ASN A 46 11.73 -11.58 -16.55
CA ASN A 46 12.61 -11.14 -17.66
C ASN A 46 13.15 -9.70 -17.49
N GLY A 47 12.78 -8.99 -16.42
CA GLY A 47 13.28 -7.63 -16.18
C GLY A 47 12.53 -6.53 -16.95
N SER A 48 11.56 -6.87 -17.80
CA SER A 48 10.91 -5.88 -18.68
C SER A 48 9.86 -5.05 -17.93
N TRP A 49 9.65 -3.83 -18.46
CA TRP A 49 8.58 -2.92 -18.03
C TRP A 49 7.63 -2.67 -19.21
N LEU A 50 6.32 -2.70 -18.95
CA LEU A 50 5.30 -2.38 -19.97
C LEU A 50 4.48 -1.20 -19.50
N ARG A 51 4.35 -0.19 -20.35
CA ARG A 51 3.41 0.87 -20.05
C ARG A 51 2.04 0.45 -20.59
N LEU A 52 1.05 0.54 -19.72
CA LEU A 52 -0.33 0.12 -20.00
C LEU A 52 -1.22 1.36 -19.91
N ALA A 53 -2.55 1.15 -19.95
CA ALA A 53 -3.52 2.25 -20.00
C ALA A 53 -3.42 3.13 -18.74
N ASP A 54 -3.29 4.44 -18.94
CA ASP A 54 -3.30 5.41 -17.82
C ASP A 54 -4.56 5.31 -16.98
N LEU A 55 -4.45 5.61 -15.69
CA LEU A 55 -5.59 5.91 -14.84
C LEU A 55 -6.37 7.05 -15.51
N GLN A 56 -7.68 7.03 -15.32
CA GLN A 56 -8.59 8.10 -15.82
C GLN A 56 -8.27 9.41 -15.10
N VAL A 57 -7.93 9.30 -13.80
CA VAL A 57 -7.63 10.47 -12.95
C VAL A 57 -6.26 10.28 -12.29
N PRO A 58 -5.34 11.27 -12.45
CA PRO A 58 -4.05 11.17 -11.79
C PRO A 58 -4.23 11.02 -10.27
N ARG A 59 -3.34 10.27 -9.62
CA ARG A 59 -3.47 10.16 -8.18
C ARG A 59 -2.18 9.61 -7.57
N SER A 60 -1.87 10.17 -6.40
CA SER A 60 -0.83 9.75 -5.48
C SER A 60 -1.49 9.35 -4.16
N GLY A 61 -0.74 8.73 -3.26
CA GLY A 61 -1.25 8.37 -1.91
C GLY A 61 -2.37 7.34 -1.96
N LEU A 62 -2.44 6.58 -3.06
CA LEU A 62 -3.45 5.52 -3.25
C LEU A 62 -2.84 4.18 -2.86
N ALA A 63 -3.74 3.21 -2.80
CA ALA A 63 -3.32 1.84 -2.60
C ALA A 63 -3.80 1.02 -3.80
N GLY A 64 -3.07 -0.03 -4.07
CA GLY A 64 -3.49 -1.02 -5.02
C GLY A 64 -3.80 -2.35 -4.33
N CYS A 65 -4.66 -3.13 -4.99
CA CYS A 65 -4.91 -4.50 -4.60
C CYS A 65 -5.50 -5.29 -5.76
N VAL A 66 -5.66 -6.59 -5.56
CA VAL A 66 -6.19 -7.49 -6.58
C VAL A 66 -7.27 -8.41 -5.98
N VAL A 67 -8.34 -8.57 -6.74
CA VAL A 67 -9.39 -9.54 -6.48
C VAL A 67 -9.86 -10.15 -7.80
N GLY A 68 -9.83 -11.47 -7.86
CA GLY A 68 -10.37 -12.23 -9.00
C GLY A 68 -9.68 -11.86 -10.29
N GLY A 69 -8.36 -11.64 -10.22
CA GLY A 69 -7.55 -11.33 -11.41
C GLY A 69 -7.63 -9.85 -11.81
N LEU A 70 -8.42 -9.06 -11.08
CA LEU A 70 -8.64 -7.66 -11.43
C LEU A 70 -7.87 -6.79 -10.46
N LEU A 71 -7.31 -5.71 -10.99
CA LEU A 71 -6.52 -4.78 -10.25
C LEU A 71 -7.41 -3.59 -9.86
N TYR A 72 -7.31 -3.15 -8.62
CA TYR A 72 -8.09 -2.02 -8.14
C TYR A 72 -7.11 -0.96 -7.64
N ALA A 73 -7.53 0.28 -7.81
CA ALA A 73 -6.88 1.45 -7.30
C ALA A 73 -7.86 2.22 -6.41
N VAL A 74 -7.40 2.54 -5.20
CA VAL A 74 -8.26 2.96 -4.09
C VAL A 74 -7.75 4.29 -3.52
N GLY A 75 -8.61 5.32 -3.45
CA GLY A 75 -8.21 6.56 -2.81
C GLY A 75 -7.04 7.26 -3.52
N GLY A 76 -6.33 8.03 -2.72
CA GLY A 76 -5.27 8.91 -3.16
C GLY A 76 -5.70 10.38 -3.19
N ARG A 77 -4.95 11.17 -3.97
CA ARG A 77 -5.24 12.60 -4.07
C ARG A 77 -4.67 13.04 -5.41
N ASN A 78 -5.37 13.92 -6.11
CA ASN A 78 -4.84 14.45 -7.33
C ASN A 78 -4.16 15.77 -6.96
N ASN A 79 -2.83 15.78 -6.79
CA ASN A 79 -2.07 17.04 -6.66
C ASN A 79 -1.79 17.54 -8.07
N SER A 80 -2.32 18.72 -8.45
CA SER A 80 -2.18 19.22 -9.82
C SER A 80 -2.21 20.74 -9.82
N PRO A 81 -1.61 21.34 -10.86
CA PRO A 81 -1.64 22.81 -11.01
C PRO A 81 -3.08 23.35 -10.88
N ASP A 82 -4.03 22.67 -11.54
CA ASP A 82 -5.44 23.06 -11.52
C ASP A 82 -6.18 22.89 -10.18
N GLY A 83 -5.50 22.44 -9.12
CA GLY A 83 -6.13 22.27 -7.80
C GLY A 83 -5.72 20.97 -7.14
N ASN A 84 -6.23 20.69 -5.95
CA ASN A 84 -5.79 19.52 -5.18
C ASN A 84 -7.01 18.76 -4.66
N THR A 85 -7.23 17.53 -5.10
CA THR A 85 -8.49 16.84 -4.85
C THR A 85 -8.24 15.46 -4.22
N ASP A 86 -8.58 15.35 -2.95
CA ASP A 86 -8.60 14.03 -2.33
C ASP A 86 -9.59 13.12 -3.06
N SER A 87 -9.20 11.84 -3.22
CA SER A 87 -9.97 10.85 -3.99
C SER A 87 -10.72 9.90 -3.07
N SER A 88 -12.00 9.70 -3.39
CA SER A 88 -12.84 8.61 -2.85
C SER A 88 -12.99 7.48 -3.90
N ALA A 89 -12.23 7.52 -4.98
CA ALA A 89 -12.53 6.70 -6.14
C ALA A 89 -12.06 5.24 -5.90
N LEU A 90 -12.83 4.31 -6.45
CA LEU A 90 -12.37 2.96 -6.69
C LEU A 90 -12.44 2.70 -8.20
N ASP A 91 -11.31 2.30 -8.78
CA ASP A 91 -11.24 1.98 -10.20
C ASP A 91 -10.61 0.63 -10.41
N CYS A 92 -11.09 -0.05 -11.43
CA CYS A 92 -10.78 -1.44 -11.65
C CYS A 92 -10.10 -1.59 -13.03
N TYR A 93 -8.95 -2.28 -13.01
CA TYR A 93 -8.16 -2.56 -14.22
C TYR A 93 -8.20 -4.07 -14.53
N ASN A 94 -8.68 -4.38 -15.73
CA ASN A 94 -8.75 -5.72 -16.28
C ASN A 94 -7.62 -5.91 -17.28
N PRO A 95 -6.62 -6.72 -16.95
CA PRO A 95 -5.51 -7.14 -17.82
C PRO A 95 -5.91 -7.78 -19.16
N MET A 96 -7.11 -8.36 -19.23
CA MET A 96 -7.57 -8.98 -20.47
C MET A 96 -7.86 -7.92 -21.53
N THR A 97 -8.30 -6.74 -21.09
CA THR A 97 -8.82 -5.70 -21.97
C THR A 97 -7.89 -4.47 -22.02
N ASN A 98 -7.03 -4.30 -21.02
CA ASN A 98 -6.21 -3.10 -20.86
C ASN A 98 -7.13 -1.88 -20.67
N GLN A 99 -8.24 -2.03 -19.95
CA GLN A 99 -9.13 -0.88 -19.77
C GLN A 99 -9.41 -0.71 -18.27
N TRP A 100 -9.45 0.56 -17.86
CA TRP A 100 -9.87 0.97 -16.52
C TRP A 100 -11.38 1.20 -16.53
N SER A 101 -12.08 0.76 -15.48
CA SER A 101 -13.52 0.99 -15.29
C SER A 101 -13.77 1.58 -13.91
N PRO A 102 -14.64 2.61 -13.83
CA PRO A 102 -15.06 3.10 -12.53
C PRO A 102 -15.90 2.07 -11.73
N CYS A 103 -15.62 1.97 -10.45
CA CYS A 103 -16.51 1.29 -9.51
C CYS A 103 -17.17 2.32 -8.58
N ALA A 104 -18.01 1.82 -7.68
CA ALA A 104 -18.64 2.65 -6.68
C ALA A 104 -17.58 3.35 -5.83
N SER A 105 -17.88 4.57 -5.43
CA SER A 105 -16.91 5.38 -4.67
C SER A 105 -17.16 5.12 -3.19
N MET A 106 -16.14 5.38 -2.40
CA MET A 106 -16.20 5.18 -0.98
C MET A 106 -17.04 6.30 -0.35
N SER A 107 -17.45 6.06 0.91
CA SER A 107 -18.19 7.06 1.74
C SER A 107 -17.46 8.41 1.79
N VAL A 108 -16.15 8.36 1.64
CA VAL A 108 -15.33 9.52 1.95
C VAL A 108 -14.01 9.45 1.16
N PRO A 109 -13.43 10.63 0.83
CA PRO A 109 -12.08 10.67 0.25
C PRO A 109 -11.04 10.17 1.25
N ARG A 110 -10.04 9.46 0.76
CA ARG A 110 -9.00 8.85 1.58
C ARG A 110 -7.64 8.90 0.85
N ASN A 111 -6.94 10.01 1.05
CA ASN A 111 -5.57 10.15 0.63
C ASN A 111 -4.67 9.42 1.65
N ARG A 112 -3.60 8.83 1.17
CA ARG A 112 -2.59 8.18 2.03
C ARG A 112 -3.27 7.04 2.80
N ILE A 113 -3.96 6.25 2.00
CA ILE A 113 -4.83 5.16 2.41
C ILE A 113 -4.00 3.88 2.58
N GLY A 114 -4.51 2.97 3.39
CA GLY A 114 -4.09 1.56 3.34
C GLY A 114 -5.23 0.67 2.95
N VAL A 115 -4.94 -0.48 2.34
CA VAL A 115 -6.00 -1.43 1.94
CA VAL A 115 -6.00 -1.43 1.95
C VAL A 115 -5.53 -2.85 2.26
N GLY A 116 -6.51 -3.72 2.53
CA GLY A 116 -6.30 -5.16 2.62
C GLY A 116 -7.44 -5.93 1.98
N VAL A 117 -7.19 -7.14 1.49
CA VAL A 117 -8.25 -7.97 0.90
C VAL A 117 -8.54 -9.19 1.79
N ILE A 118 -9.81 -9.36 2.23
CA ILE A 118 -10.22 -10.61 2.91
C ILE A 118 -11.42 -11.23 2.19
N ASP A 119 -11.27 -12.51 1.82
CA ASP A 119 -12.35 -13.29 1.23
C ASP A 119 -13.06 -12.56 0.08
N GLY A 120 -12.28 -11.97 -0.80
CA GLY A 120 -12.77 -11.29 -2.00
C GLY A 120 -13.33 -9.89 -1.73
N HIS A 121 -13.06 -9.35 -0.54
CA HIS A 121 -13.61 -8.06 -0.11
C HIS A 121 -12.44 -7.08 0.11
N ILE A 122 -12.60 -5.80 -0.26
CA ILE A 122 -11.58 -4.80 -0.09
C ILE A 122 -11.93 -3.97 1.15
N TYR A 123 -10.99 -3.88 2.08
CA TYR A 123 -11.08 -2.95 3.18
C TYR A 123 -10.21 -1.72 2.91
N ALA A 124 -10.84 -0.55 2.91
CA ALA A 124 -10.17 0.75 2.89
C ALA A 124 -10.04 1.33 4.30
N VAL A 125 -8.79 1.62 4.71
CA VAL A 125 -8.44 1.98 6.06
C VAL A 125 -7.85 3.40 6.11
N GLY A 126 -8.43 4.23 6.97
CA GLY A 126 -7.88 5.52 7.32
C GLY A 126 -7.65 6.43 6.12
N GLY A 127 -6.55 7.16 6.14
CA GLY A 127 -6.28 8.20 5.18
C GLY A 127 -6.88 9.54 5.56
N SER A 128 -6.56 10.57 4.76
CA SER A 128 -6.94 11.92 5.04
C SER A 128 -7.95 12.44 4.02
N HIS A 129 -8.73 13.43 4.49
CA HIS A 129 -9.55 14.30 3.65
C HIS A 129 -9.29 15.73 4.12
N GLY A 130 -8.44 16.46 3.44
CA GLY A 130 -7.97 17.74 4.01
C GLY A 130 -7.37 17.52 5.39
N CYS A 131 -7.63 18.38 6.34
CA CYS A 131 -7.15 18.22 7.70
C CYS A 131 -7.85 17.07 8.44
N ILE A 132 -8.84 16.38 7.87
CA ILE A 132 -9.45 15.23 8.55
C ILE A 132 -8.58 13.96 8.42
N HIS A 133 -8.21 13.38 9.56
CA HIS A 133 -7.45 12.13 9.61
C HIS A 133 -8.42 11.02 10.02
N HIS A 134 -8.73 10.09 9.11
CA HIS A 134 -9.81 9.09 9.36
C HIS A 134 -9.30 7.99 10.28
N SER A 135 -10.17 7.57 11.21
CA SER A 135 -10.11 6.26 11.87
C SER A 135 -11.15 5.30 11.25
N SER A 136 -12.04 5.82 10.40
CA SER A 136 -13.06 5.02 9.75
C SER A 136 -12.44 4.00 8.77
N VAL A 137 -13.21 2.92 8.56
CA VAL A 137 -12.82 1.79 7.73
C VAL A 137 -14.06 1.34 6.96
N GLU A 138 -13.96 1.03 5.67
CA GLU A 138 -15.14 0.55 4.93
C GLU A 138 -14.73 -0.62 4.04
N ARG A 139 -15.73 -1.41 3.67
CA ARG A 139 -15.46 -2.66 2.99
C ARG A 139 -16.25 -2.73 1.67
N TYR A 140 -15.54 -3.09 0.61
CA TYR A 140 -16.13 -3.15 -0.71
C TYR A 140 -16.36 -4.61 -1.12
N GLU A 141 -17.56 -4.85 -1.68
CA GLU A 141 -18.05 -6.15 -2.20
C GLU A 141 -18.19 -6.07 -3.73
N PRO A 142 -17.20 -6.56 -4.47
CA PRO A 142 -17.28 -6.60 -5.95
C PRO A 142 -18.56 -7.24 -6.53
N GLU A 143 -19.12 -8.27 -5.90
CA GLU A 143 -20.32 -8.91 -6.48
C GLU A 143 -21.51 -7.94 -6.44
N ARG A 144 -21.47 -6.95 -5.55
CA ARG A 144 -22.58 -5.99 -5.39
C ARG A 144 -22.18 -4.58 -5.87
N ASP A 145 -20.91 -4.33 -6.19
CA ASP A 145 -20.41 -2.95 -6.37
C ASP A 145 -20.90 -1.99 -5.28
N GLU A 146 -20.55 -2.29 -4.03
CA GLU A 146 -21.11 -1.61 -2.87
C GLU A 146 -20.09 -1.50 -1.75
N TRP A 147 -19.87 -0.27 -1.26
CA TRP A 147 -19.13 -0.06 -0.02
C TRP A 147 -20.09 -0.04 1.17
N HIS A 148 -19.61 -0.53 2.33
CA HIS A 148 -20.28 -0.34 3.63
C HIS A 148 -19.23 -0.09 4.72
N LEU A 149 -19.55 0.84 5.61
CA LEU A 149 -18.65 1.12 6.73
C LEU A 149 -18.65 -0.06 7.72
N VAL A 150 -17.52 -0.28 8.34
CA VAL A 150 -17.39 -1.24 9.40
C VAL A 150 -16.91 -0.49 10.64
N ALA A 151 -16.56 -1.20 11.73
CA ALA A 151 -16.07 -0.56 12.93
C ALA A 151 -14.85 0.29 12.60
N PRO A 152 -14.81 1.54 13.15
CA PRO A 152 -13.61 2.38 13.02
C PRO A 152 -12.45 1.81 13.84
N MET A 153 -11.23 2.07 13.39
CA MET A 153 -10.01 1.76 14.15
C MET A 153 -10.05 2.52 15.47
N LEU A 154 -9.20 2.12 16.40
CA LEU A 154 -9.07 2.79 17.70
C LEU A 154 -8.28 4.10 17.56
N THR A 155 -7.55 4.25 16.44
CA THR A 155 -6.64 5.37 16.25
C THR A 155 -6.86 5.97 14.86
N ARG A 156 -6.77 7.30 14.75
CA ARG A 156 -6.72 7.89 13.42
C ARG A 156 -5.36 7.58 12.79
N ARG A 157 -5.37 7.08 11.56
CA ARG A 157 -4.13 6.73 10.86
C ARG A 157 -4.21 7.14 9.38
N ILE A 158 -3.27 7.98 8.97
CA ILE A 158 -3.00 8.23 7.58
C ILE A 158 -1.55 7.78 7.36
N GLY A 159 -1.21 7.54 6.12
CA GLY A 159 0.07 6.90 5.80
C GLY A 159 0.16 5.53 6.48
N VAL A 160 -0.99 4.86 6.56
CA VAL A 160 -1.13 3.63 7.34
C VAL A 160 -0.73 2.41 6.50
N GLY A 161 0.04 1.51 7.12
CA GLY A 161 0.32 0.17 6.56
C GLY A 161 -0.80 -0.81 6.87
N VAL A 162 -1.23 -1.56 5.87
CA VAL A 162 -2.29 -2.53 6.04
C VAL A 162 -1.84 -3.90 5.49
N ALA A 163 -2.08 -4.97 6.25
CA ALA A 163 -1.84 -6.32 5.74
C ALA A 163 -2.91 -7.27 6.29
N VAL A 164 -2.99 -8.43 5.67
CA VAL A 164 -3.94 -9.48 6.00
C VAL A 164 -3.14 -10.77 6.26
N LEU A 165 -3.41 -11.38 7.41
CA LEU A 165 -2.82 -12.64 7.79
C LEU A 165 -3.89 -13.50 8.46
N ASN A 166 -4.09 -14.71 7.94
CA ASN A 166 -4.99 -15.65 8.56
C ASN A 166 -6.38 -15.01 8.69
N ARG A 167 -6.77 -14.32 7.62
CA ARG A 167 -8.05 -13.65 7.48
C ARG A 167 -8.31 -12.67 8.64
N LEU A 168 -7.27 -12.02 9.11
CA LEU A 168 -7.36 -10.88 10.04
C LEU A 168 -6.64 -9.70 9.38
N LEU A 169 -7.18 -8.50 9.58
CA LEU A 169 -6.67 -7.26 8.93
C LEU A 169 -5.88 -6.44 9.97
N TYR A 170 -4.70 -5.99 9.59
CA TYR A 170 -3.83 -5.23 10.48
C TYR A 170 -3.60 -3.82 9.92
N ALA A 171 -3.74 -2.85 10.82
CA ALA A 171 -3.40 -1.45 10.55
C ALA A 171 -2.15 -1.09 11.34
N VAL A 172 -1.10 -0.67 10.64
CA VAL A 172 0.23 -0.51 11.23
C VAL A 172 0.79 0.90 10.95
N GLY A 173 1.15 1.56 12.04
CA GLY A 173 1.77 2.86 12.03
C GLY A 173 0.88 3.95 11.44
N GLY A 174 1.54 4.92 10.84
CA GLY A 174 0.89 6.08 10.24
C GLY A 174 1.10 7.34 11.04
N PHE A 175 0.23 8.33 10.75
CA PHE A 175 0.16 9.66 11.36
C PHE A 175 -1.29 9.94 11.77
N ASP A 176 -1.50 10.38 13.00
CA ASP A 176 -2.83 10.60 13.55
C ASP A 176 -3.26 12.09 13.52
N GLY A 177 -2.51 12.89 12.79
CA GLY A 177 -2.77 14.35 12.76
C GLY A 177 -1.83 15.13 13.67
N THR A 178 -1.25 14.48 14.68
CA THR A 178 -0.31 15.14 15.59
C THR A 178 1.01 14.34 15.70
N ASN A 179 0.94 13.02 15.90
CA ASN A 179 2.18 12.21 15.99
C ASN A 179 2.18 11.12 14.91
N ARG A 180 3.38 10.85 14.41
CA ARG A 180 3.62 9.60 13.72
C ARG A 180 3.61 8.48 14.79
N LEU A 181 3.28 7.26 14.37
CA LEU A 181 2.83 6.19 15.29
C LEU A 181 3.71 4.95 15.17
N ASN A 182 4.04 4.34 16.31
CA ASN A 182 4.64 3.02 16.32
C ASN A 182 3.55 1.99 16.66
N SER A 183 2.33 2.44 16.94
CA SER A 183 1.25 1.53 17.34
C SER A 183 0.71 0.76 16.14
N ALA A 184 0.05 -0.34 16.43
CA ALA A 184 -0.62 -1.14 15.41
C ALA A 184 -1.83 -1.82 16.05
N GLU A 185 -2.81 -2.17 15.23
CA GLU A 185 -4.05 -2.78 15.75
C GLU A 185 -4.58 -3.81 14.74
N CYS A 186 -5.52 -4.65 15.18
CA CYS A 186 -5.98 -5.78 14.36
C CYS A 186 -7.52 -5.78 14.38
N TYR A 187 -8.13 -5.98 13.20
CA TYR A 187 -9.57 -6.08 13.01
C TYR A 187 -9.96 -7.56 12.91
N TYR A 188 -10.89 -8.00 13.75
CA TYR A 188 -11.44 -9.37 13.77
C TYR A 188 -12.85 -9.33 13.17
N PRO A 189 -12.99 -9.66 11.88
CA PRO A 189 -14.22 -9.43 11.15
C PRO A 189 -15.46 -10.01 11.83
N GLU A 190 -15.35 -11.22 12.38
CA GLU A 190 -16.56 -11.86 12.90
C GLU A 190 -17.00 -11.18 14.21
N ARG A 191 -16.16 -10.35 14.79
CA ARG A 191 -16.53 -9.60 15.98
C ARG A 191 -16.75 -8.12 15.61
N ASN A 192 -16.51 -7.77 14.36
CA ASN A 192 -16.48 -6.37 13.90
C ASN A 192 -15.83 -5.47 14.96
N GLU A 193 -14.59 -5.81 15.35
CA GLU A 193 -13.92 -5.10 16.45
C GLU A 193 -12.41 -5.03 16.21
N TRP A 194 -11.86 -3.85 16.45
CA TRP A 194 -10.42 -3.62 16.50
C TRP A 194 -9.88 -3.78 17.92
N ARG A 195 -8.77 -4.49 18.06
CA ARG A 195 -7.97 -4.51 19.28
C ARG A 195 -6.52 -4.13 18.94
N MET A 196 -5.85 -3.41 19.83
CA MET A 196 -4.40 -3.08 19.71
C MET A 196 -3.55 -4.36 19.73
N ILE A 197 -2.42 -4.30 19.02
CA ILE A 197 -1.41 -5.34 19.16
C ILE A 197 -0.11 -4.69 19.67
N THR A 198 0.90 -5.52 19.89
CA THR A 198 2.19 -5.03 20.29
C THR A 198 2.61 -3.91 19.35
N PRO A 199 3.05 -2.77 19.89
CA PRO A 199 3.57 -1.72 19.00
C PRO A 199 4.90 -2.15 18.35
N MET A 200 5.18 -1.57 17.20
CA MET A 200 6.52 -1.72 16.61
C MET A 200 7.58 -1.08 17.51
N ASN A 201 8.83 -1.40 17.21
CA ASN A 201 9.94 -0.80 17.89
C ASN A 201 10.31 0.55 17.25
N THR A 202 9.68 0.87 16.11
CA THR A 202 10.01 2.06 15.36
C THR A 202 8.73 2.80 15.00
N ILE A 203 8.71 4.12 15.23
CA ILE A 203 7.68 5.05 14.69
C ILE A 203 7.87 5.04 13.17
N ARG A 204 6.79 4.74 12.45
CA ARG A 204 6.80 4.69 10.99
C ARG A 204 5.47 5.16 10.41
N SER A 205 5.54 6.21 9.59
CA SER A 205 4.43 6.69 8.77
C SER A 205 4.82 6.59 7.29
N GLY A 206 3.91 6.09 6.49
CA GLY A 206 4.19 5.85 5.09
C GLY A 206 5.28 4.79 4.92
N ALA A 207 5.18 3.73 5.73
CA ALA A 207 6.04 2.55 5.55
C ALA A 207 5.42 1.65 4.50
N GLY A 208 6.16 0.65 4.00
CA GLY A 208 5.55 -0.45 3.25
C GLY A 208 5.20 -1.58 4.19
N VAL A 209 3.98 -2.07 4.12
CA VAL A 209 3.52 -3.12 5.02
C VAL A 209 2.91 -4.23 4.19
N CYS A 210 3.31 -5.47 4.46
CA CYS A 210 2.84 -6.66 3.71
C CYS A 210 3.07 -7.90 4.57
N VAL A 211 2.55 -9.01 4.09
CA VAL A 211 2.68 -10.27 4.81
CA VAL A 211 2.67 -10.27 4.80
C VAL A 211 3.55 -11.21 3.97
N LEU A 212 4.36 -11.97 4.68
CA LEU A 212 5.07 -13.04 4.07
C LEU A 212 5.20 -14.15 5.12
N HIS A 213 4.82 -15.35 4.70
CA HIS A 213 4.75 -16.51 5.57
C HIS A 213 3.88 -16.19 6.80
N ASN A 214 4.41 -16.23 8.03
CA ASN A 214 3.55 -16.00 9.20
C ASN A 214 3.76 -14.58 9.76
N CYS A 215 4.44 -13.70 9.05
CA CYS A 215 4.85 -12.43 9.65
C CYS A 215 4.32 -11.23 8.85
N ILE A 216 4.08 -10.17 9.60
CA ILE A 216 3.73 -8.91 9.02
C ILE A 216 4.98 -8.03 9.01
N TYR A 217 5.38 -7.56 7.82
CA TYR A 217 6.60 -6.76 7.66
C TYR A 217 6.23 -5.28 7.53
N ALA A 218 7.04 -4.44 8.17
CA ALA A 218 7.01 -3.00 8.03
C ALA A 218 8.42 -2.53 7.62
N ALA A 219 8.51 -1.99 6.42
CA ALA A 219 9.77 -1.60 5.78
C ALA A 219 9.78 -0.07 5.65
N GLY A 220 10.84 0.59 6.11
CA GLY A 220 11.03 2.03 5.89
C GLY A 220 9.95 2.86 6.55
N GLY A 221 9.66 4.03 5.93
CA GLY A 221 8.72 5.00 6.44
C GLY A 221 9.37 6.27 6.93
N TYR A 222 8.57 7.05 7.65
CA TYR A 222 8.90 8.41 8.09
C TYR A 222 8.52 8.53 9.57
N ASP A 223 9.34 9.21 10.35
CA ASP A 223 9.07 9.35 11.77
C ASP A 223 8.98 10.82 12.18
N GLY A 224 8.83 11.74 11.23
CA GLY A 224 8.75 13.16 11.55
C GLY A 224 10.08 13.88 11.39
N GLN A 225 11.20 13.14 11.45
CA GLN A 225 12.54 13.71 11.22
C GLN A 225 13.20 13.06 10.00
N ASP A 226 13.18 11.74 9.95
CA ASP A 226 13.99 10.98 9.01
C ASP A 226 13.22 9.95 8.20
N GLN A 227 13.65 9.70 6.96
CA GLN A 227 13.20 8.53 6.21
C GLN A 227 14.03 7.33 6.68
N LEU A 228 13.39 6.16 6.75
CA LEU A 228 13.96 4.98 7.42
C LEU A 228 14.36 3.94 6.37
N ASN A 229 15.45 3.22 6.63
CA ASN A 229 15.80 2.05 5.84
C ASN A 229 15.54 0.76 6.64
N SER A 230 15.17 0.86 7.92
CA SER A 230 15.02 -0.32 8.81
C SER A 230 13.75 -1.08 8.44
N VAL A 231 13.74 -2.35 8.82
CA VAL A 231 12.65 -3.25 8.47
C VAL A 231 12.43 -4.16 9.67
N GLU A 232 11.18 -4.30 10.11
CA GLU A 232 10.89 -5.20 11.23
C GLU A 232 9.65 -6.02 10.89
N ARG A 233 9.48 -7.13 11.61
CA ARG A 233 8.38 -7.98 11.26
C ARG A 233 7.75 -8.53 12.54
N TYR A 234 6.43 -8.70 12.46
CA TYR A 234 5.61 -9.09 13.58
C TYR A 234 5.17 -10.55 13.41
N ASP A 235 5.52 -11.41 14.34
CA ASP A 235 5.14 -12.80 14.30
C ASP A 235 3.86 -12.96 15.12
N VAL A 236 2.76 -13.38 14.48
CA VAL A 236 1.47 -13.40 15.18
C VAL A 236 1.48 -14.45 16.29
N GLU A 237 2.33 -15.48 16.17
CA GLU A 237 2.29 -16.56 17.19
C GLU A 237 2.95 -16.09 18.50
N THR A 238 3.95 -15.22 18.35
CA THR A 238 4.82 -14.72 19.44
C THR A 238 4.42 -13.30 19.88
N GLU A 239 3.67 -12.59 19.04
CA GLU A 239 3.21 -11.21 19.33
C GLU A 239 4.41 -10.28 19.56
N THR A 240 5.53 -10.51 18.87
CA THR A 240 6.68 -9.63 19.06
C THR A 240 7.17 -9.16 17.69
N TRP A 241 7.86 -8.04 17.71
CA TRP A 241 8.49 -7.46 16.51
C TRP A 241 10.00 -7.70 16.58
N THR A 242 10.60 -8.10 15.46
CA THR A 242 12.03 -8.29 15.33
C THR A 242 12.51 -7.61 14.04
N PHE A 243 13.63 -6.90 14.15
CA PHE A 243 14.35 -6.33 13.01
C PHE A 243 14.99 -7.45 12.17
N VAL A 244 14.89 -7.26 10.86
CA VAL A 244 15.58 -8.02 9.84
C VAL A 244 16.58 -7.06 9.18
N ALA A 245 17.21 -7.44 8.07
CA ALA A 245 18.20 -6.58 7.47
C ALA A 245 17.51 -5.32 6.93
N PRO A 246 18.19 -4.18 7.01
CA PRO A 246 17.64 -2.94 6.47
C PRO A 246 17.75 -2.88 4.95
N MET A 247 16.87 -2.09 4.33
CA MET A 247 16.90 -1.85 2.88
C MET A 247 18.18 -1.06 2.54
N ARG A 248 18.59 -1.18 1.28
CA ARG A 248 19.72 -0.46 0.70
C ARG A 248 19.44 1.05 0.70
N HIS A 249 18.17 1.43 0.50
CA HIS A 249 17.75 2.86 0.47
C HIS A 249 16.78 3.17 1.61
N HIS A 250 17.04 4.29 2.28
CA HIS A 250 16.05 4.91 3.14
C HIS A 250 14.86 5.30 2.24
N ARG A 251 13.62 5.05 2.67
CA ARG A 251 12.47 5.46 1.83
C ARG A 251 11.18 5.56 2.65
N SER A 252 10.48 6.66 2.41
CA SER A 252 9.09 6.80 2.80
C SER A 252 8.17 6.84 1.57
N ALA A 253 6.89 6.60 1.81
CA ALA A 253 5.87 6.63 0.76
C ALA A 253 6.29 5.70 -0.38
N LEU A 254 6.76 4.53 0.04
CA LEU A 254 7.11 3.47 -0.88
C LEU A 254 5.86 2.62 -1.16
N GLY A 255 5.95 1.86 -2.26
CA GLY A 255 5.02 0.76 -2.55
C GLY A 255 5.66 -0.57 -2.21
N ILE A 256 4.84 -1.54 -1.76
CA ILE A 256 5.34 -2.85 -1.39
C ILE A 256 4.37 -3.91 -1.91
N THR A 257 4.92 -5.01 -2.43
CA THR A 257 4.14 -6.20 -2.76
C THR A 257 4.98 -7.48 -2.56
N VAL A 258 4.29 -8.60 -2.62
CA VAL A 258 4.93 -9.90 -2.60
C VAL A 258 4.73 -10.56 -3.97
N HIS A 259 5.77 -11.24 -4.42
CA HIS A 259 5.80 -11.93 -5.71
C HIS A 259 6.72 -13.13 -5.57
N GLN A 260 6.15 -14.33 -5.72
CA GLN A 260 6.85 -15.58 -5.57
C GLN A 260 7.64 -15.60 -4.25
N GLY A 261 6.99 -15.17 -3.16
CA GLY A 261 7.52 -15.38 -1.82
C GLY A 261 8.73 -14.50 -1.51
N LYS A 262 8.89 -13.43 -2.30
CA LYS A 262 9.84 -12.37 -1.99
C LYS A 262 9.10 -11.03 -1.92
N ILE A 263 9.62 -10.15 -1.07
CA ILE A 263 9.15 -8.78 -0.94
C ILE A 263 9.83 -7.89 -1.99
N TYR A 264 9.05 -6.95 -2.54
CA TYR A 264 9.55 -5.95 -3.45
C TYR A 264 9.08 -4.58 -2.95
N VAL A 265 10.01 -3.64 -2.88
CA VAL A 265 9.70 -2.29 -2.52
C VAL A 265 10.09 -1.40 -3.71
N LEU A 266 9.17 -0.47 -3.99
CA LEU A 266 9.14 0.36 -5.19
C LEU A 266 9.06 1.84 -4.79
N GLY A 267 10.08 2.56 -5.18
CA GLY A 267 10.10 4.00 -5.15
C GLY A 267 10.10 4.54 -3.73
N GLY A 268 9.55 5.74 -3.61
CA GLY A 268 9.49 6.43 -2.36
C GLY A 268 10.38 7.65 -2.35
N TYR A 269 10.69 8.12 -1.15
CA TYR A 269 11.36 9.39 -0.95
C TYR A 269 12.43 9.22 0.15
N ASP A 270 13.63 9.69 -0.10
CA ASP A 270 14.73 9.48 0.86
C ASP A 270 15.28 10.73 1.51
N GLY A 271 14.51 11.80 1.45
CA GLY A 271 14.88 13.09 1.96
C GLY A 271 15.53 13.96 0.88
N HIS A 272 15.62 13.44 -0.34
CA HIS A 272 16.50 14.05 -1.37
C HIS A 272 15.97 13.82 -2.79
N THR A 273 15.55 12.60 -3.06
CA THR A 273 15.24 12.13 -4.40
C THR A 273 13.93 11.34 -4.37
N PHE A 274 13.11 11.51 -5.39
CA PHE A 274 12.00 10.60 -5.60
C PHE A 274 12.58 9.35 -6.27
N LEU A 275 12.59 8.23 -5.53
CA LEU A 275 13.44 7.10 -5.91
C LEU A 275 12.83 6.34 -7.10
N ASP A 276 13.68 5.94 -8.02
CA ASP A 276 13.29 4.94 -8.98
C ASP A 276 13.72 3.53 -8.53
N SER A 277 14.42 3.42 -7.39
CA SER A 277 15.00 2.13 -6.98
C SER A 277 13.87 1.15 -6.60
N VAL A 278 14.06 -0.09 -7.03
CA VAL A 278 13.26 -1.22 -6.66
C VAL A 278 14.19 -2.21 -5.98
N GLU A 279 13.84 -2.63 -4.79
CA GLU A 279 14.66 -3.63 -4.06
C GLU A 279 13.79 -4.86 -3.73
N CYS A 280 14.42 -6.03 -3.65
CA CYS A 280 13.69 -7.20 -3.15
C CYS A 280 14.43 -7.86 -1.97
N TYR A 281 13.61 -8.41 -1.06
CA TYR A 281 14.06 -9.08 0.16
C TYR A 281 13.92 -10.61 0.03
N ASP A 282 15.01 -11.32 0.32
CA ASP A 282 15.08 -12.76 0.34
C ASP A 282 15.11 -13.12 1.83
N PRO A 283 14.03 -13.74 2.33
CA PRO A 283 13.89 -14.07 3.75
C PRO A 283 14.89 -15.14 4.19
N ASP A 284 15.17 -16.12 3.33
CA ASP A 284 16.13 -17.19 3.64
C ASP A 284 17.54 -16.70 3.88
N SER A 285 18.03 -15.74 3.08
CA SER A 285 19.39 -15.20 3.22
C SER A 285 19.37 -13.89 4.03
N ASP A 286 18.18 -13.36 4.29
CA ASP A 286 18.01 -12.08 5.00
C ASP A 286 18.83 -11.00 4.32
N THR A 287 18.64 -10.85 3.00
CA THR A 287 19.39 -9.85 2.24
C THR A 287 18.44 -9.09 1.30
N TRP A 288 18.80 -7.83 1.09
CA TRP A 288 18.14 -6.95 0.13
C TRP A 288 19.05 -6.74 -1.07
N SER A 289 18.47 -6.75 -2.27
CA SER A 289 19.23 -6.45 -3.45
C SER A 289 18.39 -5.60 -4.41
N GLU A 290 19.08 -4.75 -5.18
CA GLU A 290 18.43 -3.97 -6.25
C GLU A 290 18.00 -4.91 -7.37
N VAL A 291 16.76 -4.78 -7.84
CA VAL A 291 16.28 -5.72 -8.86
C VAL A 291 16.01 -4.97 -10.16
N THR A 292 15.73 -3.68 -10.06
CA THR A 292 15.52 -2.87 -11.21
C THR A 292 15.32 -1.41 -10.78
N ARG A 293 15.09 -0.58 -11.77
CA ARG A 293 14.63 0.76 -11.55
C ARG A 293 13.33 0.93 -12.31
N MET A 294 12.43 1.65 -11.69
CA MET A 294 11.26 2.08 -12.37
C MET A 294 11.72 2.99 -13.51
N THR A 295 10.83 3.20 -14.48
CA THR A 295 11.11 4.07 -15.64
C THR A 295 11.37 5.51 -15.18
N SER A 296 10.89 5.90 -14.00
CA SER A 296 11.16 7.23 -13.48
C SER A 296 10.88 7.25 -11.98
N GLY A 297 11.55 8.12 -11.23
CA GLY A 297 11.34 8.18 -9.79
C GLY A 297 9.95 8.70 -9.43
N ARG A 298 9.40 8.17 -8.34
CA ARG A 298 8.08 8.59 -7.90
C ARG A 298 7.84 8.01 -6.51
N SER A 299 6.96 8.68 -5.77
CA SER A 299 6.54 8.31 -4.43
C SER A 299 5.02 8.03 -4.43
N GLY A 300 4.49 7.39 -3.40
CA GLY A 300 3.01 7.27 -3.19
C GLY A 300 2.30 6.49 -4.30
N VAL A 301 2.93 5.41 -4.82
CA VAL A 301 2.32 4.54 -5.81
C VAL A 301 1.43 3.50 -5.13
N GLY A 302 0.53 2.94 -5.93
CA GLY A 302 -0.22 1.71 -5.65
C GLY A 302 0.39 0.52 -6.36
N VAL A 303 0.61 -0.57 -5.61
CA VAL A 303 1.26 -1.75 -6.14
C VAL A 303 0.45 -2.99 -5.78
N ALA A 304 0.40 -3.90 -6.74
CA ALA A 304 -0.28 -5.18 -6.57
C ALA A 304 0.22 -6.14 -7.67
N VAL A 305 -0.02 -7.43 -7.51
CA VAL A 305 0.47 -8.41 -8.47
C VAL A 305 -0.74 -9.14 -9.09
N THR A 306 -0.76 -9.28 -10.42
CA THR A 306 -1.70 -10.20 -11.11
C THR A 306 -1.12 -10.68 -12.44
N MET A 307 -1.97 -11.35 -13.20
CA MET A 307 -1.64 -11.98 -14.49
C MET A 307 -1.11 -10.94 -15.48
N GLU A 308 -0.30 -11.42 -16.43
CA GLU A 308 0.19 -10.58 -17.53
C GLU A 308 -1.01 -10.24 -18.42
N PRO A 309 -0.98 -9.07 -19.06
CA PRO A 309 -2.15 -8.61 -19.81
C PRO A 309 -2.17 -9.11 -21.26
N CYS A 310 -3.37 -9.12 -21.84
CA CYS A 310 -3.57 -9.49 -23.24
C CYS A 310 -3.05 -8.36 -24.15
S SO4 B . -13.50 10.07 10.62
O1 SO4 B . -14.90 10.02 11.08
O2 SO4 B . -12.75 11.07 11.44
O3 SO4 B . -12.89 8.72 10.77
O4 SO4 B . -13.51 10.51 9.21
C1 J6Q C . 2.55 10.97 0.40
C2 J6Q C . 2.66 10.19 1.69
C3 J6Q C . 3.09 10.84 2.84
C5 J6Q C . 2.89 8.82 4.10
C6 J6Q C . 2.47 8.15 2.97
C7 J6Q C . 2.35 8.83 1.78
C11 J6Q C . 2.58 11.60 6.05
C12 J6Q C . 3.02 12.04 7.44
C15 J6Q C . 4.91 11.69 5.09
C16 J6Q C . 4.90 13.09 5.20
C23 J6Q C . 7.28 11.81 4.55
C24 J6Q C . 6.11 11.06 4.76
C4 J6Q C . 3.21 10.17 4.05
CL8 J6Q C . 1.81 7.93 0.40
C9 J6Q C . 3.68 10.84 5.33
O13 J6Q C . 2.91 13.26 7.72
O14 J6Q C . 3.45 11.18 8.22
C17 J6Q C . 6.04 13.84 4.99
C18 J6Q C . 7.22 13.19 4.65
N19 J6Q C . 8.46 13.62 4.39
C20 J6Q C . 8.98 14.98 4.37
N21 J6Q C . 9.28 12.57 4.13
N22 J6Q C . 8.56 11.47 4.21
H27 J6Q C . 1.92 11.70 0.52
H25 J6Q C . 2.24 10.38 -0.31
H26 J6Q C . 3.43 11.32 0.16
H28 J6Q C . 3.31 11.78 2.80
H29 J6Q C . 2.96 8.34 4.92
H30 J6Q C . 2.25 7.22 3.02
H32 J6Q C . 2.34 12.40 5.52
H31 J6Q C . 1.79 11.03 6.13
H33 J6Q C . 4.09 13.53 5.43
H38 J6Q C . 6.14 10.10 4.69
H10 J6Q C . 3.95 10.11 5.94
H34 J6Q C . 6.02 14.79 5.06
H36 J6Q C . 8.85 15.40 5.25
H35 J6Q C . 9.94 14.97 4.15
H37 J6Q C . 8.50 15.51 3.69
#